data_4Q1P
#
_entry.id   4Q1P
#
_cell.length_a   43.267
_cell.length_b   58.373
_cell.length_c   111.066
_cell.angle_alpha   90.00
_cell.angle_beta   90.00
_cell.angle_gamma   90.00
#
_symmetry.space_group_name_H-M   'P 21 21 21'
#
loop_
_entity.id
_entity.type
_entity.pdbx_description
1 polymer Galectin-1
2 non-polymer 'propyl 2-(acetylamino)-4-O-{3-O-[(1-benzyl-1H-1,2,3-triazol-4-yl)methyl]-beta-D-galactopyranosyl}-2-deoxy-beta-D-glucopyranoside'
3 non-polymer BETA-MERCAPTOETHANOL
4 non-polymer 'SULFATE ION'
5 water water
#
_entity_poly.entity_id   1
_entity_poly.type   'polypeptide(L)'
_entity_poly.pdbx_seq_one_letter_code
;GMACGLVASNLNLKPGE(CME)LRVRGEVAPDAKSFVLNLGKDSNNLCLHFNPRFNAHGDANTIVCNSKDGGAWGTEQRE
AVFPFQPGSVAEV(CME)ITFDQANLTVKLPDGYEFKFPNRLNLEAINYMAADGDFKIK(CME)VAFD
;
_entity_poly.pdbx_strand_id   A,B
#
# COMPACT_ATOMS: atom_id res chain seq x y z
N CYS A 4 -10.48 4.83 -9.66
CA CYS A 4 -9.47 5.28 -8.72
C CYS A 4 -8.76 4.12 -8.03
N GLY A 5 -7.44 4.19 -8.02
CA GLY A 5 -6.61 3.10 -7.56
C GLY A 5 -6.11 3.27 -6.15
N LEU A 6 -5.10 2.46 -5.82
N LEU A 6 -5.19 2.39 -5.79
CA LEU A 6 -4.51 2.39 -4.51
CA LEU A 6 -4.57 2.40 -4.50
C LEU A 6 -3.97 3.72 -4.00
C LEU A 6 -4.19 3.82 -4.07
N VAL A 7 -4.35 4.09 -2.78
CA VAL A 7 -3.87 5.30 -2.15
C VAL A 7 -3.21 4.86 -0.87
N ALA A 8 -2.00 5.27 -0.62
CA ALA A 8 -1.33 4.94 0.63
C ALA A 8 -0.80 6.21 1.29
N SER A 9 -0.94 6.29 2.59
CA SER A 9 -0.46 7.42 3.34
C SER A 9 0.37 6.92 4.55
N ASN A 10 1.04 7.85 5.22
CA ASN A 10 2.04 7.56 6.23
C ASN A 10 3.18 6.69 5.75
N LEU A 11 3.61 6.88 4.51
CA LEU A 11 4.68 6.04 3.97
C LEU A 11 6.03 6.29 4.61
N ASN A 12 6.28 7.55 4.99
CA ASN A 12 7.52 7.93 5.62
C ASN A 12 8.76 7.47 4.82
N LEU A 13 8.71 7.69 3.51
CA LEU A 13 9.83 7.34 2.66
C LEU A 13 10.84 8.44 2.80
N LYS A 14 12.03 8.10 3.28
CA LYS A 14 13.09 9.07 3.55
C LYS A 14 14.05 9.17 2.35
N PRO A 15 14.83 10.25 2.26
CA PRO A 15 15.80 10.39 1.17
C PRO A 15 16.71 9.17 1.08
N GLY A 16 16.95 8.72 -0.15
CA GLY A 16 17.81 7.57 -0.37
C GLY A 16 17.09 6.24 -0.36
N GLU A 17 15.86 6.24 0.17
CA GLU A 17 15.05 5.03 0.25
C GLU A 17 14.28 4.79 -1.05
N LEU A 19 11.18 3.26 -3.28
CA LEU A 19 9.80 2.78 -3.43
C LEU A 19 9.68 2.02 -4.73
N ARG A 20 9.23 0.78 -4.67
CA ARG A 20 9.08 -0.04 -5.84
C ARG A 20 7.60 -0.40 -6.00
N VAL A 21 7.10 -0.25 -7.21
CA VAL A 21 5.70 -0.51 -7.53
C VAL A 21 5.64 -1.38 -8.76
N ARG A 22 4.98 -2.52 -8.67
CA ARG A 22 4.82 -3.38 -9.83
C ARG A 22 3.35 -3.51 -10.12
N GLY A 23 3.01 -3.46 -11.41
CA GLY A 23 1.61 -3.54 -11.79
C GLY A 23 1.43 -4.09 -13.19
N GLU A 24 0.18 -4.32 -13.55
CA GLU A 24 -0.18 -4.82 -14.87
C GLU A 24 -0.78 -3.68 -15.68
N VAL A 25 -0.19 -3.40 -16.84
CA VAL A 25 -0.70 -2.40 -17.75
C VAL A 25 -1.78 -3.07 -18.60
N ALA A 26 -2.99 -2.48 -18.59
CA ALA A 26 -4.11 -3.07 -19.32
C ALA A 26 -3.80 -3.21 -20.82
N PRO A 27 -4.32 -4.27 -21.44
CA PRO A 27 -4.14 -4.44 -22.88
C PRO A 27 -4.57 -3.23 -23.69
N ASP A 28 -5.58 -2.51 -23.21
CA ASP A 28 -6.11 -1.37 -23.93
C ASP A 28 -5.79 -0.07 -23.19
N ALA A 29 -4.66 -0.08 -22.48
CA ALA A 29 -4.26 1.06 -21.65
C ALA A 29 -4.19 2.32 -22.47
N LYS A 30 -4.65 3.42 -21.88
CA LYS A 30 -4.51 4.72 -22.50
C LYS A 30 -3.51 5.56 -21.74
N SER A 31 -3.52 5.40 -20.41
N SER A 31 -3.50 5.43 -20.41
CA SER A 31 -2.77 6.27 -19.51
CA SER A 31 -2.55 6.15 -19.59
C SER A 31 -2.72 5.61 -18.14
C SER A 31 -2.72 5.69 -18.16
N PHE A 32 -1.69 5.88 -17.36
CA PHE A 32 -1.80 5.64 -15.93
C PHE A 32 -1.01 6.71 -15.19
N VAL A 33 -1.25 6.80 -13.88
CA VAL A 33 -0.64 7.81 -13.05
C VAL A 33 -0.17 7.20 -11.75
N LEU A 34 1.06 7.54 -11.38
N LEU A 34 1.03 7.60 -11.33
CA LEU A 34 1.47 7.41 -9.99
CA LEU A 34 1.54 7.39 -9.98
C LEU A 34 1.71 8.84 -9.52
C LEU A 34 1.95 8.73 -9.35
N ASN A 35 1.19 9.16 -8.35
CA ASN A 35 1.42 10.42 -7.67
C ASN A 35 2.13 10.16 -6.36
N LEU A 36 3.15 10.95 -6.05
CA LEU A 36 3.93 10.86 -4.83
C LEU A 36 4.06 12.25 -4.21
N GLY A 37 3.92 12.32 -2.90
CA GLY A 37 4.13 13.59 -2.21
C GLY A 37 3.70 13.54 -0.77
N LYS A 38 3.01 14.62 -0.39
CA LYS A 38 2.49 14.78 0.97
C LYS A 38 1.01 14.44 1.05
N ASP A 39 0.27 14.88 0.05
CA ASP A 39 -1.16 14.64 -0.07
C ASP A 39 -1.60 14.99 -1.49
N SER A 40 -2.91 14.92 -1.77
CA SER A 40 -3.39 15.08 -3.13
C SER A 40 -3.15 16.46 -3.71
N ASN A 41 -2.90 17.44 -2.85
CA ASN A 41 -2.64 18.81 -3.28
C ASN A 41 -1.17 19.16 -3.34
N ASN A 42 -0.31 18.26 -2.91
CA ASN A 42 1.11 18.49 -2.75
C ASN A 42 1.92 17.29 -3.20
N LEU A 43 2.24 17.31 -4.51
CA LEU A 43 2.87 16.18 -5.16
C LEU A 43 4.26 16.58 -5.62
N CYS A 44 5.27 15.90 -5.10
CA CYS A 44 6.61 16.11 -5.62
C CYS A 44 6.80 15.37 -6.94
N LEU A 45 5.99 14.35 -7.22
CA LEU A 45 6.01 13.75 -8.55
C LEU A 45 4.65 13.27 -8.96
N HIS A 46 4.17 13.76 -10.09
CA HIS A 46 3.04 13.24 -10.84
C HIS A 46 3.68 12.60 -12.05
N PHE A 47 3.58 11.27 -12.10
CA PHE A 47 4.23 10.45 -13.12
C PHE A 47 3.15 9.84 -13.99
N ASN A 48 3.09 10.25 -15.26
CA ASN A 48 1.96 9.97 -16.12
C ASN A 48 2.37 9.46 -17.51
N PRO A 49 2.65 8.16 -17.60
CA PRO A 49 2.83 7.55 -18.94
C PRO A 49 1.54 7.61 -19.73
N ARG A 50 1.59 8.22 -20.91
CA ARG A 50 0.44 8.30 -21.79
C ARG A 50 0.67 7.45 -23.05
N PHE A 51 -0.12 6.39 -23.17
CA PHE A 51 -0.03 5.52 -24.34
C PHE A 51 -0.77 6.22 -25.46
N ASN A 52 -1.97 6.65 -25.15
CA ASN A 52 -2.84 7.35 -26.08
C ASN A 52 -3.79 8.21 -25.25
N ALA A 53 -3.36 9.42 -24.93
CA ALA A 53 -4.13 10.29 -24.04
C ALA A 53 -3.74 11.74 -24.22
N HIS A 54 -4.74 12.62 -24.16
CA HIS A 54 -4.55 14.06 -24.34
C HIS A 54 -3.85 14.41 -25.65
N GLY A 55 -4.03 13.59 -26.67
CA GLY A 55 -3.38 13.83 -27.96
C GLY A 55 -1.94 13.33 -27.99
N ASP A 56 -1.49 12.74 -26.88
CA ASP A 56 -0.12 12.25 -26.79
C ASP A 56 -0.04 10.74 -26.99
N ALA A 57 1.01 10.31 -27.67
CA ALA A 57 1.23 8.88 -27.87
C ALA A 57 2.60 8.49 -27.32
N ASN A 58 2.61 7.41 -26.55
CA ASN A 58 3.83 6.85 -25.97
C ASN A 58 4.78 7.89 -25.45
N THR A 59 4.27 8.71 -24.52
CA THR A 59 5.05 9.79 -23.93
C THR A 59 4.86 9.81 -22.43
N ILE A 60 5.97 9.90 -21.68
CA ILE A 60 5.89 10.06 -20.23
C ILE A 60 5.81 11.54 -19.91
N VAL A 61 4.75 11.91 -19.21
CA VAL A 61 4.54 13.29 -18.76
C VAL A 61 4.78 13.31 -17.26
N CYS A 62 5.59 14.24 -16.79
CA CYS A 62 5.79 14.45 -15.38
C CYS A 62 5.48 15.86 -14.98
N ASN A 63 5.06 16.02 -13.72
CA ASN A 63 4.87 17.37 -13.19
C ASN A 63 4.88 17.30 -11.70
N SER A 64 4.79 18.46 -11.08
CA SER A 64 4.61 18.62 -9.65
C SER A 64 3.29 19.33 -9.39
N LYS A 65 2.86 19.29 -8.12
CA LYS A 65 1.70 20.07 -7.69
C LYS A 65 2.05 20.62 -6.33
N ASP A 66 1.95 21.94 -6.19
CA ASP A 66 2.35 22.60 -4.95
C ASP A 66 1.18 23.44 -4.46
N GLY A 67 0.63 23.04 -3.32
CA GLY A 67 -0.50 23.76 -2.77
C GLY A 67 -1.65 23.89 -3.76
N GLY A 68 -1.92 22.81 -4.50
CA GLY A 68 -2.99 22.79 -5.47
C GLY A 68 -2.62 23.21 -6.88
N ALA A 69 -1.45 23.84 -7.04
CA ALA A 69 -1.05 24.42 -8.32
C ALA A 69 -0.12 23.49 -9.08
N TRP A 70 -0.53 23.11 -10.28
CA TRP A 70 0.36 22.37 -11.15
C TRP A 70 1.59 23.20 -11.52
N GLY A 71 2.74 22.54 -11.52
CA GLY A 71 3.98 23.17 -11.93
C GLY A 71 4.15 23.10 -13.42
N THR A 72 5.40 23.26 -13.83
CA THR A 72 5.74 23.21 -15.25
C THR A 72 5.94 21.76 -15.68
N GLU A 73 5.12 21.33 -16.63
CA GLU A 73 5.17 19.99 -17.15
C GLU A 73 6.47 19.71 -17.90
N GLN A 74 6.98 18.50 -17.75
CA GLN A 74 8.14 18.02 -18.51
C GLN A 74 7.84 16.68 -19.13
N ARG A 75 8.43 16.43 -20.28
CA ARG A 75 8.28 15.17 -20.97
C ARG A 75 9.61 14.50 -21.19
N GLU A 76 9.58 13.17 -21.20
CA GLU A 76 10.79 12.39 -21.34
C GLU A 76 10.78 11.86 -22.78
N ALA A 77 11.86 11.26 -23.21
CA ALA A 77 11.95 10.89 -24.63
C ALA A 77 12.00 9.39 -24.87
N VAL A 78 11.76 8.63 -23.83
N VAL A 78 11.90 8.60 -23.80
CA VAL A 78 11.66 7.21 -24.04
CA VAL A 78 11.84 7.13 -23.91
C VAL A 78 10.33 6.77 -23.49
C VAL A 78 10.59 6.58 -23.23
N PHE A 79 9.96 5.57 -23.83
CA PHE A 79 8.70 5.01 -23.37
C PHE A 79 8.78 3.49 -23.20
N PRO A 80 9.31 3.03 -22.06
CA PRO A 80 9.55 1.60 -21.86
C PRO A 80 8.38 0.87 -21.27
N PHE A 81 7.20 1.10 -21.81
CA PHE A 81 5.96 0.42 -21.38
C PHE A 81 5.25 -0.16 -22.57
N GLN A 82 4.60 -1.29 -22.36
CA GLN A 82 3.78 -1.96 -23.38
C GLN A 82 2.42 -2.25 -22.78
N PRO A 83 1.33 -1.95 -23.51
CA PRO A 83 0.05 -2.46 -23.03
C PRO A 83 0.05 -3.97 -22.95
N GLY A 84 -0.64 -4.53 -21.96
CA GLY A 84 -0.73 -5.97 -21.79
C GLY A 84 0.51 -6.63 -21.23
N SER A 85 1.19 -5.95 -20.32
CA SER A 85 2.45 -6.44 -19.77
C SER A 85 2.59 -6.02 -18.32
N VAL A 86 3.49 -6.67 -17.60
CA VAL A 86 3.80 -6.28 -16.23
C VAL A 86 4.91 -5.26 -16.30
N ALA A 87 4.84 -4.24 -15.46
CA ALA A 87 5.88 -3.23 -15.39
C ALA A 87 6.16 -2.86 -13.95
N GLU A 88 7.44 -2.65 -13.67
CA GLU A 88 7.92 -2.16 -12.39
C GLU A 88 8.53 -0.77 -12.50
N VAL A 89 8.21 0.08 -11.51
CA VAL A 89 8.73 1.44 -11.43
C VAL A 89 9.38 1.52 -10.07
N ILE A 91 11.39 4.35 -7.50
CA ILE A 91 11.59 5.77 -7.30
C ILE A 91 12.34 6.03 -6.01
N THR A 92 13.27 6.97 -6.08
N THR A 92 13.32 6.93 -6.07
CA THR A 92 14.06 7.40 -4.92
CA THR A 92 13.94 7.46 -4.87
C THR A 92 14.28 8.92 -5.05
C THR A 92 13.95 8.98 -4.97
N PHE A 93 14.47 9.63 -3.94
CA PHE A 93 14.65 11.08 -3.98
C PHE A 93 15.74 11.55 -3.04
N ASP A 94 16.28 12.73 -3.36
CA ASP A 94 17.00 13.55 -2.40
C ASP A 94 16.44 14.96 -2.53
N GLN A 95 17.09 15.96 -1.94
CA GLN A 95 16.51 17.30 -1.96
C GLN A 95 16.53 17.91 -3.35
N ALA A 96 17.46 17.49 -4.20
CA ALA A 96 17.59 18.06 -5.53
C ALA A 96 16.63 17.43 -6.55
N ASN A 97 16.55 16.10 -6.54
CA ASN A 97 15.86 15.36 -7.59
C ASN A 97 15.16 14.12 -7.10
N LEU A 98 14.12 13.73 -7.82
CA LEU A 98 13.62 12.37 -7.74
C LEU A 98 14.27 11.62 -8.87
N THR A 99 14.64 10.37 -8.61
CA THR A 99 15.19 9.50 -9.66
C THR A 99 14.18 8.40 -9.90
N VAL A 100 13.72 8.30 -11.14
CA VAL A 100 12.76 7.32 -11.56
C VAL A 100 13.44 6.27 -12.46
N LYS A 101 13.39 5.01 -12.01
CA LYS A 101 13.95 3.88 -12.76
C LYS A 101 12.85 3.01 -13.30
N LEU A 102 12.96 2.72 -14.58
CA LEU A 102 11.90 2.13 -15.34
C LEU A 102 12.35 0.84 -15.97
N PRO A 103 11.43 0.15 -16.67
CA PRO A 103 11.90 -1.07 -17.37
C PRO A 103 12.87 -0.75 -18.51
N ASP A 104 13.49 -1.78 -19.08
CA ASP A 104 14.37 -1.63 -20.22
C ASP A 104 15.59 -0.73 -19.96
N GLY A 105 16.03 -0.70 -18.71
CA GLY A 105 17.24 0.01 -18.32
C GLY A 105 17.10 1.52 -18.17
N TYR A 106 15.92 2.08 -18.40
CA TYR A 106 15.79 3.53 -18.48
C TYR A 106 15.61 4.18 -17.13
N GLU A 107 16.25 5.31 -16.96
CA GLU A 107 16.22 6.08 -15.74
C GLU A 107 16.27 7.56 -16.07
N PHE A 108 15.52 8.35 -15.30
CA PHE A 108 15.61 9.81 -15.48
C PHE A 108 15.42 10.50 -14.16
N LYS A 109 15.78 11.78 -14.10
CA LYS A 109 15.60 12.58 -12.89
C LYS A 109 14.54 13.64 -13.16
N PHE A 110 13.80 13.96 -12.11
CA PHE A 110 12.80 15.02 -12.16
C PHE A 110 13.14 15.92 -10.97
N PRO A 111 13.20 17.25 -11.21
CA PRO A 111 13.58 18.11 -10.10
C PRO A 111 12.57 18.03 -8.96
N ASN A 112 13.10 18.01 -7.74
CA ASN A 112 12.28 18.06 -6.55
C ASN A 112 11.94 19.51 -6.21
N ARG A 113 10.71 19.89 -6.52
CA ARG A 113 10.32 21.31 -6.44
C ARG A 113 9.64 21.65 -5.13
N LEU A 114 9.35 20.64 -4.32
CA LEU A 114 8.70 20.84 -3.04
C LEU A 114 9.73 20.72 -1.94
N ASN A 115 9.27 20.95 -0.73
CA ASN A 115 10.13 20.99 0.41
C ASN A 115 9.90 19.88 1.41
N LEU A 116 9.60 18.67 0.93
CA LEU A 116 9.20 17.60 1.84
C LEU A 116 10.38 16.89 2.50
N GLU A 117 10.21 16.61 3.79
CA GLU A 117 11.22 15.88 4.55
C GLU A 117 11.18 14.40 4.18
N ALA A 118 9.96 13.90 3.97
CA ALA A 118 9.71 12.52 3.61
C ALA A 118 8.57 12.52 2.58
N ILE A 119 8.49 11.47 1.78
CA ILE A 119 7.32 11.24 0.94
C ILE A 119 6.37 10.39 1.75
N ASN A 120 5.18 10.92 2.02
CA ASN A 120 4.22 10.23 2.87
C ASN A 120 3.00 9.71 2.17
N TYR A 121 2.85 10.05 0.91
CA TYR A 121 1.64 9.79 0.17
C TYR A 121 1.92 9.27 -1.21
N MET A 122 1.18 8.24 -1.62
N MET A 122 1.22 8.19 -1.57
CA MET A 122 1.26 7.70 -2.96
CA MET A 122 1.22 7.67 -2.93
C MET A 122 -0.15 7.35 -3.42
C MET A 122 -0.23 7.52 -3.36
N ALA A 123 -0.49 7.71 -4.66
CA ALA A 123 -1.80 7.42 -5.21
C ALA A 123 -1.65 6.95 -6.63
N ALA A 124 -2.37 5.91 -7.00
CA ALA A 124 -2.37 5.36 -8.36
C ALA A 124 -3.70 5.57 -9.04
N ASP A 125 -3.66 5.75 -10.36
CA ASP A 125 -4.89 5.87 -11.11
C ASP A 125 -4.67 5.38 -12.53
N GLY A 126 -5.78 5.04 -13.20
CA GLY A 126 -5.70 4.71 -14.61
C GLY A 126 -5.43 3.24 -14.83
N ASP A 127 -4.85 2.95 -16.01
CA ASP A 127 -4.82 1.59 -16.56
C ASP A 127 -3.62 0.76 -16.12
N PHE A 128 -3.40 0.70 -14.81
CA PHE A 128 -2.26 0.03 -14.21
C PHE A 128 -2.80 -0.64 -12.93
N LYS A 129 -2.84 -1.97 -12.93
CA LYS A 129 -3.32 -2.73 -11.75
C LYS A 129 -2.15 -3.03 -10.84
N ILE A 130 -2.11 -2.46 -9.63
CA ILE A 130 -0.99 -2.62 -8.72
C ILE A 130 -1.01 -4.02 -8.11
N LYS A 131 0.11 -4.72 -8.25
CA LYS A 131 0.24 -6.08 -7.75
C LYS A 131 1.11 -6.17 -6.53
N VAL A 133 3.76 -3.44 -3.83
N VAL A 133 3.72 -3.40 -3.84
CA VAL A 133 4.43 -2.22 -3.42
CA VAL A 133 4.47 -2.20 -3.47
C VAL A 133 5.47 -2.58 -2.37
C VAL A 133 5.46 -2.58 -2.39
N ALA A 134 6.70 -2.11 -2.53
CA ALA A 134 7.72 -2.38 -1.53
C ALA A 134 8.40 -1.09 -1.15
N PHE A 135 8.71 -0.99 0.14
CA PHE A 135 9.26 0.22 0.72
C PHE A 135 10.57 -0.11 1.38
N ASP A 136 11.69 0.38 0.83
CA ASP A 136 12.96 0.09 1.49
C ASP A 136 13.68 1.34 2.01
N CYS B 4 -0.05 5.32 13.08
CA CYS B 4 1.37 5.67 12.93
C CYS B 4 2.00 4.94 11.76
N GLY B 5 1.48 3.75 11.47
CA GLY B 5 2.02 2.99 10.36
C GLY B 5 1.28 3.29 9.09
N LEU B 6 1.65 2.56 8.06
CA LEU B 6 1.07 2.65 6.76
C LEU B 6 -0.46 2.57 6.78
N VAL B 7 -1.14 3.44 6.04
CA VAL B 7 -2.57 3.36 5.81
C VAL B 7 -2.81 3.27 4.31
N ALA B 8 -3.60 2.30 3.87
CA ALA B 8 -3.90 2.13 2.46
C ALA B 8 -5.40 2.03 2.26
N SER B 9 -5.87 2.66 1.19
N SER B 9 -5.90 2.64 1.20
CA SER B 9 -7.27 2.74 0.82
CA SER B 9 -7.29 2.59 0.85
C SER B 9 -7.44 2.36 -0.65
C SER B 9 -7.43 2.27 -0.63
N ASN B 10 -8.66 2.01 -1.04
CA ASN B 10 -8.95 1.52 -2.39
C ASN B 10 -8.26 0.19 -2.72
N LEU B 11 -8.11 -0.67 -1.72
N LEU B 11 -8.12 -0.70 -1.74
CA LEU B 11 -7.47 -1.98 -1.92
CA LEU B 11 -7.41 -1.96 -1.96
C LEU B 11 -8.16 -2.84 -2.94
C LEU B 11 -8.16 -2.88 -2.91
N ASN B 12 -9.49 -2.77 -2.94
CA ASN B 12 -10.31 -3.57 -3.81
C ASN B 12 -10.00 -5.06 -3.69
N LEU B 13 -9.80 -5.55 -2.47
CA LEU B 13 -9.58 -6.99 -2.24
C LEU B 13 -10.94 -7.70 -2.23
N LYS B 14 -11.05 -8.72 -3.07
CA LYS B 14 -12.30 -9.46 -3.19
C LYS B 14 -12.18 -10.87 -2.61
N PRO B 15 -13.33 -11.54 -2.42
CA PRO B 15 -13.28 -12.87 -1.80
C PRO B 15 -12.37 -13.83 -2.53
N GLY B 16 -11.57 -14.53 -1.76
CA GLY B 16 -10.65 -15.51 -2.30
C GLY B 16 -9.31 -14.94 -2.70
N GLU B 17 -9.22 -13.63 -2.89
CA GLU B 17 -7.95 -12.99 -3.22
C GLU B 17 -7.05 -12.96 -2.00
N LEU B 19 -4.13 -11.15 0.26
CA LEU B 19 -3.36 -9.98 0.60
C LEU B 19 -2.15 -10.45 1.39
N ARG B 20 -0.93 -10.16 0.93
CA ARG B 20 0.26 -10.59 1.62
C ARG B 20 1.00 -9.39 2.17
N VAL B 21 1.25 -9.39 3.46
CA VAL B 21 1.94 -8.31 4.13
C VAL B 21 3.21 -8.82 4.80
N ARG B 22 4.36 -8.32 4.36
N ARG B 22 4.35 -8.23 4.42
CA ARG B 22 5.62 -8.58 5.03
CA ARG B 22 5.67 -8.61 4.91
C ARG B 22 6.11 -7.36 5.74
C ARG B 22 6.32 -7.42 5.62
N GLY B 23 6.71 -7.59 6.89
CA GLY B 23 7.31 -6.51 7.65
C GLY B 23 8.29 -6.98 8.70
N GLU B 24 8.77 -6.01 9.45
CA GLU B 24 9.79 -6.20 10.46
C GLU B 24 9.15 -6.01 11.80
N VAL B 25 9.22 -7.03 12.66
CA VAL B 25 8.79 -6.91 14.03
C VAL B 25 9.93 -6.27 14.83
N ALA B 26 9.63 -5.15 15.49
CA ALA B 26 10.64 -4.41 16.22
C ALA B 26 11.37 -5.25 17.27
N PRO B 27 12.66 -4.98 17.48
CA PRO B 27 13.42 -5.67 18.51
C PRO B 27 12.79 -5.62 19.90
N ASP B 28 12.15 -4.50 20.22
CA ASP B 28 11.61 -4.30 21.56
C ASP B 28 10.10 -4.50 21.58
N ALA B 29 9.58 -5.29 20.63
CA ALA B 29 8.14 -5.34 20.36
C ALA B 29 7.30 -5.68 21.56
N LYS B 30 6.26 -4.89 21.76
CA LYS B 30 5.24 -5.16 22.78
C LYS B 30 3.93 -5.61 22.16
N SER B 31 3.59 -5.01 21.02
CA SER B 31 2.30 -5.18 20.42
C SER B 31 2.39 -4.64 19.00
N PHE B 32 1.72 -5.27 18.05
CA PHE B 32 1.46 -4.63 16.76
C PHE B 32 0.06 -4.91 16.25
N VAL B 33 -0.35 -4.12 15.27
CA VAL B 33 -1.71 -4.16 14.77
C VAL B 33 -1.75 -4.10 13.26
N LEU B 34 -2.56 -4.97 12.69
N LEU B 34 -2.62 -4.91 12.69
CA LEU B 34 -3.08 -4.80 11.33
CA LEU B 34 -3.05 -4.76 11.31
C LEU B 34 -4.59 -4.69 11.37
C LEU B 34 -4.58 -4.73 11.26
N ASN B 35 -5.11 -3.61 10.81
CA ASN B 35 -6.55 -3.42 10.66
C ASN B 35 -6.93 -3.56 9.21
N LEU B 36 -8.03 -4.28 8.96
N LEU B 36 -7.99 -4.34 8.94
CA LEU B 36 -8.62 -4.46 7.66
CA LEU B 36 -8.56 -4.47 7.62
C LEU B 36 -10.10 -4.20 7.69
C LEU B 36 -10.06 -4.19 7.68
N GLY B 37 -10.59 -3.57 6.64
CA GLY B 37 -12.02 -3.38 6.51
C GLY B 37 -12.47 -2.51 5.40
N LYS B 38 -13.61 -1.85 5.63
CA LYS B 38 -14.19 -0.90 4.68
C LYS B 38 -13.51 0.47 4.81
N ASP B 39 -13.25 0.85 6.06
CA ASP B 39 -12.62 2.13 6.41
C ASP B 39 -12.25 2.06 7.89
N SER B 40 -11.75 3.13 8.47
CA SER B 40 -11.19 3.06 9.81
C SER B 40 -12.24 2.75 10.89
N ASN B 41 -13.52 2.98 10.59
CA ASN B 41 -14.59 2.74 11.56
C ASN B 41 -15.35 1.44 11.36
N ASN B 42 -14.97 0.72 10.30
CA ASN B 42 -15.64 -0.50 9.94
C ASN B 42 -14.61 -1.53 9.59
N LEU B 43 -14.17 -2.25 10.61
CA LEU B 43 -13.10 -3.20 10.49
C LEU B 43 -13.61 -4.60 10.60
N CYS B 44 -13.38 -5.39 9.57
CA CYS B 44 -13.71 -6.80 9.67
C CYS B 44 -12.62 -7.52 10.40
N LEU B 45 -11.39 -6.99 10.45
CA LEU B 45 -10.33 -7.60 11.24
C LEU B 45 -9.41 -6.59 11.85
N HIS B 46 -9.40 -6.55 13.18
CA HIS B 46 -8.39 -5.90 13.97
C HIS B 46 -7.54 -7.04 14.48
N PHE B 47 -6.33 -7.19 13.95
CA PHE B 47 -5.38 -8.26 14.22
C PHE B 47 -4.24 -7.73 15.08
N ASN B 48 -4.20 -8.18 16.33
CA ASN B 48 -3.34 -7.58 17.32
C ASN B 48 -2.54 -8.61 18.12
N PRO B 49 -1.42 -9.08 17.56
CA PRO B 49 -0.46 -9.87 18.33
C PRO B 49 0.10 -9.04 19.46
N ARG B 50 0.00 -9.59 20.67
CA ARG B 50 0.50 -8.94 21.86
C ARG B 50 1.58 -9.80 22.47
N PHE B 51 2.82 -9.30 22.41
CA PHE B 51 3.93 -9.93 23.09
C PHE B 51 3.74 -9.71 24.57
N ASN B 52 3.48 -8.45 24.92
CA ASN B 52 3.23 -8.05 26.29
C ASN B 52 2.48 -6.74 26.35
N ALA B 53 1.16 -6.81 26.42
CA ALA B 53 0.35 -5.60 26.32
C ALA B 53 -1.08 -5.85 26.77
N HIS B 54 -1.65 -4.85 27.46
CA HIS B 54 -3.05 -4.84 27.86
C HIS B 54 -3.47 -6.11 28.60
N GLY B 55 -2.57 -6.67 29.39
CA GLY B 55 -2.90 -7.81 30.21
C GLY B 55 -2.65 -9.16 29.56
N ASP B 56 -2.13 -9.15 28.34
CA ASP B 56 -1.85 -10.36 27.56
C ASP B 56 -0.35 -10.57 27.31
N ALA B 57 0.09 -11.81 27.43
CA ALA B 57 1.44 -12.22 27.05
C ALA B 57 1.35 -13.22 25.89
N ASN B 58 2.14 -12.97 24.84
CA ASN B 58 2.21 -13.87 23.70
C ASN B 58 0.85 -14.40 23.25
N THR B 59 -0.07 -13.48 22.96
CA THR B 59 -1.42 -13.81 22.55
C THR B 59 -1.84 -12.92 21.39
N ILE B 60 -2.46 -13.50 20.38
CA ILE B 60 -3.10 -12.74 19.34
C ILE B 60 -4.53 -12.45 19.71
N VAL B 61 -4.87 -11.17 19.76
CA VAL B 61 -6.23 -10.73 20.01
C VAL B 61 -6.80 -10.25 18.67
N CYS B 62 -7.98 -10.73 18.35
CA CYS B 62 -8.72 -10.28 17.20
C CYS B 62 -10.05 -9.68 17.57
N ASN B 63 -10.44 -8.65 16.84
CA ASN B 63 -11.73 -8.07 17.02
C ASN B 63 -12.26 -7.49 15.71
N SER B 64 -13.51 -7.04 15.73
CA SER B 64 -14.14 -6.26 14.67
C SER B 64 -14.51 -4.88 15.22
N LYS B 65 -14.80 -3.97 14.32
CA LYS B 65 -15.33 -2.66 14.69
C LYS B 65 -16.42 -2.37 13.69
N ASP B 66 -17.63 -2.08 14.18
CA ASP B 66 -18.80 -1.88 13.33
C ASP B 66 -19.38 -0.49 13.63
N GLY B 67 -19.29 0.42 12.67
CA GLY B 67 -19.75 1.79 12.87
C GLY B 67 -19.13 2.43 14.10
N GLY B 68 -17.83 2.22 14.30
CA GLY B 68 -17.11 2.82 15.40
C GLY B 68 -17.15 2.04 16.70
N ALA B 69 -17.97 1.00 16.77
CA ALA B 69 -18.11 0.22 18.01
C ALA B 69 -17.33 -1.10 17.96
N TRP B 70 -16.45 -1.32 18.93
CA TRP B 70 -15.72 -2.57 19.03
C TRP B 70 -16.65 -3.73 19.28
N GLY B 71 -16.32 -4.85 18.68
CA GLY B 71 -17.01 -6.11 18.93
C GLY B 71 -16.42 -6.83 20.12
N THR B 72 -16.73 -8.11 20.17
CA THR B 72 -16.21 -8.98 21.20
C THR B 72 -14.87 -9.59 20.78
N GLU B 73 -13.87 -9.47 21.65
CA GLU B 73 -12.55 -10.03 21.38
C GLU B 73 -12.55 -11.54 21.28
N GLN B 74 -11.79 -12.05 20.32
CA GLN B 74 -11.46 -13.48 20.23
C GLN B 74 -9.95 -13.62 20.44
N ARG B 75 -9.54 -14.55 21.31
CA ARG B 75 -8.12 -14.81 21.55
C ARG B 75 -7.72 -16.11 20.89
N GLU B 76 -6.64 -16.07 20.12
CA GLU B 76 -6.19 -17.25 19.42
C GLU B 76 -5.32 -18.14 20.30
N ALA B 77 -5.02 -19.33 19.78
CA ALA B 77 -4.34 -20.36 20.55
C ALA B 77 -2.85 -20.47 20.20
N VAL B 78 -2.42 -19.72 19.18
CA VAL B 78 -1.06 -19.84 18.67
C VAL B 78 -0.38 -18.48 18.58
N PHE B 79 0.95 -18.47 18.67
CA PHE B 79 1.72 -17.23 18.64
C PHE B 79 3.07 -17.38 17.96
N PRO B 80 3.08 -17.42 16.62
CA PRO B 80 4.35 -17.68 15.94
C PRO B 80 5.08 -16.39 15.53
N PHE B 81 5.26 -15.49 16.48
CA PHE B 81 5.99 -14.26 16.23
C PHE B 81 7.10 -14.10 17.25
N GLN B 82 8.20 -13.46 16.84
CA GLN B 82 9.28 -13.10 17.75
C GLN B 82 9.69 -11.66 17.56
N PRO B 83 10.12 -11.00 18.63
CA PRO B 83 10.67 -9.66 18.46
C PRO B 83 11.93 -9.70 17.59
N GLY B 84 12.13 -8.66 16.78
CA GLY B 84 13.35 -8.50 16.01
C GLY B 84 13.48 -9.53 14.91
N SER B 85 12.40 -9.78 14.20
CA SER B 85 12.39 -10.74 13.10
C SER B 85 11.53 -10.22 11.97
N VAL B 86 11.66 -10.81 10.79
CA VAL B 86 10.78 -10.52 9.70
C VAL B 86 9.61 -11.48 9.77
N ALA B 87 8.44 -11.00 9.38
CA ALA B 87 7.26 -11.85 9.38
C ALA B 87 6.32 -11.48 8.25
N GLU B 88 5.67 -12.51 7.71
CA GLU B 88 4.69 -12.37 6.67
C GLU B 88 3.36 -12.87 7.19
N VAL B 89 2.31 -12.10 6.92
CA VAL B 89 0.93 -12.50 7.21
C VAL B 89 0.16 -12.46 5.90
N ILE B 91 -3.70 -12.83 4.19
CA ILE B 91 -5.10 -12.81 4.54
C ILE B 91 -6.00 -12.98 3.33
N THR B 92 -7.03 -13.79 3.49
CA THR B 92 -8.07 -13.93 2.52
C THR B 92 -9.40 -13.93 3.26
N PHE B 93 -10.51 -13.77 2.54
CA PHE B 93 -11.82 -13.77 3.16
C PHE B 93 -12.89 -14.27 2.21
N ASP B 94 -14.02 -14.66 2.78
CA ASP B 94 -15.21 -14.99 2.03
C ASP B 94 -16.42 -14.55 2.85
N GLN B 95 -17.57 -15.11 2.48
CA GLN B 95 -18.84 -14.72 3.08
CA GLN B 95 -18.86 -14.78 3.04
C GLN B 95 -18.86 -14.96 4.57
N ALA B 96 -18.20 -16.01 5.02
CA ALA B 96 -18.33 -16.45 6.39
C ALA B 96 -17.18 -16.01 7.27
N ASN B 97 -15.97 -16.00 6.73
CA ASN B 97 -14.77 -15.89 7.55
C ASN B 97 -13.62 -15.17 6.86
N LEU B 98 -12.75 -14.60 7.66
CA LEU B 98 -11.40 -14.27 7.25
C LEU B 98 -10.50 -15.43 7.66
N THR B 99 -9.57 -15.77 6.78
CA THR B 99 -8.55 -16.76 7.06
C THR B 99 -7.25 -16.00 7.12
N VAL B 100 -6.56 -16.13 8.23
CA VAL B 100 -5.28 -15.50 8.47
C VAL B 100 -4.20 -16.57 8.54
N LYS B 101 -3.26 -16.51 7.59
CA LYS B 101 -2.13 -17.41 7.57
C LYS B 101 -0.91 -16.68 8.11
N LEU B 102 -0.21 -17.37 9.01
CA LEU B 102 0.83 -16.81 9.84
C LEU B 102 2.13 -17.56 9.55
N PRO B 103 3.25 -17.07 10.10
CA PRO B 103 4.51 -17.79 9.94
C PRO B 103 4.46 -19.21 10.49
N ASP B 104 5.37 -20.06 9.99
CA ASP B 104 5.54 -21.43 10.48
C ASP B 104 4.33 -22.36 10.26
N GLY B 105 3.51 -22.04 9.26
CA GLY B 105 2.41 -22.92 8.89
C GLY B 105 1.14 -22.79 9.73
N TYR B 106 1.08 -21.80 10.61
CA TYR B 106 -0.09 -21.61 11.45
C TYR B 106 -1.17 -20.82 10.69
N GLU B 107 -2.42 -21.08 11.02
CA GLU B 107 -3.50 -20.29 10.48
C GLU B 107 -4.70 -20.32 11.38
N PHE B 108 -5.55 -19.32 11.24
CA PHE B 108 -6.82 -19.36 11.96
C PHE B 108 -7.89 -18.64 11.20
N LYS B 109 -9.14 -18.83 11.62
CA LYS B 109 -10.27 -18.16 11.03
C LYS B 109 -10.89 -17.19 12.04
N PHE B 110 -11.42 -16.09 11.50
CA PHE B 110 -12.15 -15.14 12.31
C PHE B 110 -13.43 -14.83 11.57
N PRO B 111 -14.59 -14.85 12.24
CA PRO B 111 -15.85 -14.68 11.49
C PRO B 111 -15.92 -13.29 10.83
N ASN B 112 -16.53 -13.23 9.65
CA ASN B 112 -16.76 -12.01 8.92
C ASN B 112 -18.04 -11.38 9.44
N ARG B 113 -17.93 -10.70 10.57
CA ARG B 113 -19.07 -10.20 11.31
C ARG B 113 -19.83 -9.11 10.57
N LEU B 114 -19.10 -8.35 9.76
N LEU B 114 -19.14 -8.33 9.75
CA LEU B 114 -19.66 -7.24 8.99
CA LEU B 114 -19.79 -7.24 9.03
C LEU B 114 -20.21 -7.68 7.62
C LEU B 114 -20.35 -7.72 7.68
N ASN B 115 -20.06 -8.96 7.33
CA ASN B 115 -20.45 -9.53 6.06
C ASN B 115 -19.88 -8.74 4.88
N LEU B 116 -18.62 -8.32 5.00
CA LEU B 116 -18.03 -7.55 3.91
C LEU B 116 -17.85 -8.43 2.69
N GLU B 117 -18.11 -7.87 1.50
N GLU B 117 -18.13 -7.87 1.51
CA GLU B 117 -17.85 -8.52 0.22
CA GLU B 117 -17.89 -8.51 0.24
C GLU B 117 -16.75 -7.78 -0.54
C GLU B 117 -16.62 -7.95 -0.45
N ALA B 118 -16.03 -6.93 0.18
CA ALA B 118 -14.80 -6.31 -0.31
C ALA B 118 -14.03 -5.73 0.86
N ILE B 119 -12.71 -5.79 0.80
CA ILE B 119 -11.86 -5.12 1.78
C ILE B 119 -11.13 -4.01 1.04
N ASN B 120 -11.36 -2.78 1.48
CA ASN B 120 -10.80 -1.64 0.81
C ASN B 120 -9.81 -0.85 1.63
N TYR B 121 -9.69 -1.17 2.91
CA TYR B 121 -8.87 -0.39 3.84
C TYR B 121 -7.92 -1.27 4.61
N MET B 122 -6.67 -0.86 4.78
CA MET B 122 -5.73 -1.51 5.67
C MET B 122 -4.92 -0.49 6.40
N ALA B 123 -4.59 -0.73 7.64
CA ALA B 123 -3.77 0.19 8.39
C ALA B 123 -2.91 -0.59 9.34
N ALA B 124 -1.68 -0.17 9.53
CA ALA B 124 -0.79 -0.82 10.43
C ALA B 124 -0.45 0.11 11.56
N ASP B 125 -0.16 -0.43 12.72
CA ASP B 125 0.28 0.40 13.84
C ASP B 125 1.10 -0.48 14.76
N GLY B 126 1.86 0.14 15.64
CA GLY B 126 2.62 -0.60 16.63
C GLY B 126 3.98 -1.05 16.15
N ASP B 127 4.45 -2.14 16.71
CA ASP B 127 5.85 -2.54 16.56
C ASP B 127 6.10 -3.45 15.37
N PHE B 128 5.56 -3.05 14.21
CA PHE B 128 5.67 -3.79 12.95
C PHE B 128 5.85 -2.82 11.78
N LYS B 129 7.00 -2.87 11.15
CA LYS B 129 7.27 -1.98 10.00
C LYS B 129 7.01 -2.71 8.71
N ILE B 130 6.02 -2.23 7.95
CA ILE B 130 5.63 -2.90 6.71
C ILE B 130 6.68 -2.64 5.64
N LYS B 131 7.13 -3.71 5.00
CA LYS B 131 8.19 -3.61 3.98
C LYS B 131 7.68 -3.91 2.58
N VAL B 133 3.73 -5.10 0.46
N VAL B 133 3.70 -5.03 0.53
CA VAL B 133 2.34 -5.49 0.35
CA VAL B 133 2.37 -5.60 0.39
C VAL B 133 2.07 -5.99 -1.05
C VAL B 133 2.21 -6.06 -1.03
N ALA B 134 1.54 -7.20 -1.16
CA ALA B 134 1.27 -7.82 -2.44
C ALA B 134 -0.15 -8.30 -2.53
N PHE B 135 -0.67 -8.30 -3.75
CA PHE B 135 -2.03 -8.74 -4.05
C PHE B 135 -2.00 -9.90 -5.03
N ASP B 136 -2.53 -11.05 -4.66
CA ASP B 136 -2.89 -12.11 -5.62
C ASP B 136 -4.41 -12.27 -5.59
#